data_3UMA
#
_entry.id   3UMA
#
_cell.length_a   113.063
_cell.length_b   113.063
_cell.length_c   98.823
_cell.angle_alpha   90.00
_cell.angle_beta   90.00
_cell.angle_gamma   120.00
#
_symmetry.space_group_name_H-M   'P 31 2 1'
#
loop_
_entity.id
_entity.type
_entity.pdbx_description
1 polymer 'Hypothetical peroxiredoxin protein'
2 non-polymer 'SULFATE ION'
3 water water
#
_entity_poly.entity_id   1
_entity_poly.type   'polypeptide(L)'
_entity_poly.pdbx_seq_one_letter_code
;(MSE)HHHHHHSSGVDLGTENLYFQS(MSE)(MSE)TIAVGDKLPNATFKEKTADGPVEVTTELLFKGKRVVLFAVPGAF
TPTCSLNHLPGYLENRDAILARGVDDIAVVAVNDLHV(MSE)GAWATHSGG(MSE)GKIHFLSDWNAAFTKAIG(MSE)E
IDLSAGTLGIRSKRYS(MSE)LVEDGVVKALNIEESPGQATASGAAA(MSE)LELL
;
_entity_poly.pdbx_strand_id   A,B,C
#
loop_
_chem_comp.id
_chem_comp.type
_chem_comp.name
_chem_comp.formula
SO4 non-polymer 'SULFATE ION' 'O4 S -2'
#
# COMPACT_ATOMS: atom_id res chain seq x y z
N TYR A 19 -22.43 -0.80 23.39
CA TYR A 19 -22.41 -1.12 24.86
C TYR A 19 -21.21 -0.56 25.61
N PHE A 20 -20.08 -0.44 24.93
CA PHE A 20 -18.92 0.23 25.50
C PHE A 20 -19.19 1.73 25.66
N GLN A 21 -18.55 2.31 26.67
CA GLN A 21 -18.56 3.75 26.89
C GLN A 21 -17.83 4.49 25.79
N SER A 22 -18.58 5.21 24.97
CA SER A 22 -17.97 6.01 23.93
C SER A 22 -18.11 7.50 24.23
N MSE A 23 -18.67 7.81 25.41
CA MSE A 23 -18.85 9.20 25.85
C MSE A 23 -17.59 9.99 25.54
O MSE A 23 -17.63 11.05 24.93
CB MSE A 23 -19.12 9.26 27.35
CG MSE A 23 -18.90 10.67 27.91
SE MSE A 23 -20.56 11.65 28.12
CE MSE A 23 -20.71 11.31 30.00
N MSE A 24 -16.47 9.44 25.99
CA MSE A 24 -15.20 9.99 25.63
C MSE A 24 -14.51 8.97 24.72
O MSE A 24 -14.41 7.78 25.05
CB MSE A 24 -14.38 10.29 26.88
CG MSE A 24 -13.46 11.46 26.75
SE MSE A 24 -11.82 10.95 25.83
CE MSE A 24 -10.83 12.65 26.10
N THR A 25 -14.09 9.45 23.55
CA THR A 25 -13.23 8.71 22.64
C THR A 25 -12.08 9.63 22.33
N ILE A 26 -10.86 9.25 22.65
CA ILE A 26 -9.71 10.11 22.42
C ILE A 26 -9.57 10.52 20.93
N ALA A 27 -9.19 11.76 20.69
CA ALA A 27 -9.01 12.31 19.35
C ALA A 27 -7.79 13.22 19.28
N VAL A 28 -7.38 13.50 18.05
CA VAL A 28 -6.32 14.48 17.78
C VAL A 28 -6.71 15.79 18.47
N GLY A 29 -5.76 16.38 19.17
CA GLY A 29 -6.04 17.63 19.87
C GLY A 29 -6.32 17.44 21.34
N ASP A 30 -6.81 16.25 21.74
CA ASP A 30 -7.11 15.95 23.15
C ASP A 30 -5.82 15.78 23.97
N LYS A 31 -5.87 16.17 25.23
CA LYS A 31 -4.82 15.79 26.18
C LYS A 31 -5.08 14.36 26.66
N LEU A 32 -4.01 13.60 26.88
CA LEU A 32 -4.14 12.29 27.51
C LEU A 32 -4.48 12.43 29.01
N PRO A 33 -5.40 11.58 29.52
CA PRO A 33 -5.64 11.58 30.96
C PRO A 33 -4.39 11.12 31.69
N ASN A 34 -4.27 11.53 32.95
CA ASN A 34 -3.20 11.09 33.85
C ASN A 34 -3.39 9.59 34.09
N ALA A 35 -2.29 8.86 34.18
CA ALA A 35 -2.34 7.42 34.48
C ALA A 35 -0.98 6.95 34.94
N THR A 36 -0.93 5.79 35.56
CA THR A 36 0.34 5.20 35.94
C THR A 36 0.43 3.81 35.33
N PHE A 37 1.63 3.41 34.95
CA PHE A 37 1.85 2.13 34.33
C PHE A 37 2.98 1.46 35.07
N LYS A 38 2.86 0.17 35.32
CA LYS A 38 3.96 -0.57 35.87
C LYS A 38 4.78 -1.17 34.73
N GLU A 39 6.07 -1.29 34.96
CA GLU A 39 6.98 -1.73 33.93
C GLU A 39 8.18 -2.41 34.57
N LYS A 40 8.51 -3.60 34.07
CA LYS A 40 9.72 -4.31 34.43
C LYS A 40 10.87 -3.81 33.58
N THR A 41 11.82 -3.15 34.21
CA THR A 41 13.05 -2.78 33.52
C THR A 41 14.20 -3.66 34.03
N ALA A 42 15.27 -3.74 33.24
CA ALA A 42 16.46 -4.50 33.64
C ALA A 42 17.00 -4.07 35.02
N ASP A 43 16.78 -2.81 35.39
CA ASP A 43 17.13 -2.31 36.71
C ASP A 43 16.13 -2.72 37.81
N GLY A 44 14.96 -3.23 37.42
CA GLY A 44 13.91 -3.66 38.37
C GLY A 44 12.51 -3.14 38.01
N PRO A 45 11.49 -3.50 38.82
CA PRO A 45 10.11 -3.03 38.58
C PRO A 45 9.91 -1.55 38.98
N VAL A 46 9.26 -0.81 38.10
CA VAL A 46 9.15 0.65 38.18
C VAL A 46 7.71 1.08 37.89
N GLU A 47 7.36 2.30 38.29
CA GLU A 47 6.07 2.86 38.00
C GLU A 47 6.23 4.12 37.13
N VAL A 48 5.60 4.10 35.94
CA VAL A 48 5.72 5.16 34.95
C VAL A 48 4.43 5.97 34.92
N THR A 49 4.51 7.28 35.14
CA THR A 49 3.32 8.13 35.06
C THR A 49 3.22 8.73 33.67
N THR A 50 2.03 9.18 33.30
CA THR A 50 1.85 9.86 32.03
C THR A 50 2.67 11.16 32.01
N GLU A 51 2.77 11.80 33.17
CA GLU A 51 3.57 13.03 33.28
C GLU A 51 5.02 12.77 32.92
N LEU A 52 5.63 11.80 33.60
CA LEU A 52 7.01 11.40 33.34
C LEU A 52 7.23 10.94 31.90
N LEU A 53 6.26 10.24 31.35
CA LEU A 53 6.40 9.69 30.01
C LEU A 53 6.27 10.76 28.95
N PHE A 54 5.27 11.62 29.08
CA PHE A 54 4.88 12.50 27.99
C PHE A 54 5.29 13.99 28.08
N LYS A 55 5.45 14.50 29.30
CA LYS A 55 5.58 15.96 29.46
C LYS A 55 6.89 16.50 28.94
N GLY A 56 6.79 17.53 28.11
CA GLY A 56 7.96 18.16 27.51
C GLY A 56 8.59 17.25 26.50
N LYS A 57 7.83 16.27 26.01
CA LYS A 57 8.39 15.24 25.13
C LYS A 57 7.51 14.95 23.89
N ARG A 58 8.13 14.39 22.87
CA ARG A 58 7.43 13.94 21.67
C ARG A 58 7.54 12.42 21.73
N VAL A 59 6.40 11.76 21.93
CA VAL A 59 6.39 10.31 22.19
C VAL A 59 5.52 9.53 21.18
N VAL A 60 6.02 8.41 20.71
CA VAL A 60 5.23 7.49 19.91
C VAL A 60 4.68 6.41 20.84
N LEU A 61 3.35 6.38 20.99
CA LEU A 61 2.71 5.34 21.79
C LEU A 61 1.93 4.40 20.88
N PHE A 62 2.19 3.11 20.98
CA PHE A 62 1.27 2.17 20.34
C PHE A 62 0.68 1.17 21.33
N ALA A 63 -0.60 0.83 21.12
CA ALA A 63 -1.29 -0.14 21.97
C ALA A 63 -1.56 -1.44 21.23
N VAL A 64 -1.46 -2.55 21.95
CA VAL A 64 -1.72 -3.88 21.38
C VAL A 64 -2.80 -4.61 22.20
N PRO A 65 -3.64 -5.44 21.54
CA PRO A 65 -4.56 -6.29 22.28
C PRO A 65 -3.87 -7.24 23.27
N GLY A 66 -2.68 -7.73 22.97
CA GLY A 66 -2.11 -8.70 23.89
C GLY A 66 -0.68 -9.06 23.62
N ALA A 67 0.13 -9.01 24.67
CA ALA A 67 1.45 -9.60 24.62
C ALA A 67 1.38 -11.07 24.17
N PHE A 68 2.36 -11.48 23.37
CA PHE A 68 2.48 -12.85 22.84
C PHE A 68 1.39 -13.27 21.83
N THR A 69 0.43 -12.39 21.53
CA THR A 69 -0.56 -12.73 20.52
C THR A 69 0.06 -12.49 19.13
N PRO A 70 -0.37 -13.24 18.10
CA PRO A 70 0.33 -13.24 16.80
C PRO A 70 0.48 -11.90 16.08
N THR A 71 -0.59 -11.14 15.90
CA THR A 71 -0.48 -9.87 15.19
C THR A 71 0.40 -8.92 16.01
N CYS A 72 0.21 -8.92 17.33
CA CYS A 72 1.01 -8.06 18.21
C CYS A 72 2.50 -8.44 18.19
N SER A 73 2.80 -9.74 18.29
CA SER A 73 4.21 -10.20 18.45
C SER A 73 4.98 -10.44 17.15
N LEU A 74 4.29 -10.82 16.08
CA LEU A 74 4.95 -11.13 14.82
C LEU A 74 5.01 -9.95 13.88
N ASN A 75 4.11 -8.99 14.11
CA ASN A 75 3.86 -7.92 13.18
C ASN A 75 4.02 -6.52 13.83
N HIS A 76 3.13 -6.18 14.77
CA HIS A 76 3.00 -4.80 15.27
C HIS A 76 4.28 -4.37 16.03
N LEU A 77 4.66 -5.12 17.05
CA LEU A 77 5.85 -4.80 17.85
C LEU A 77 7.17 -4.89 17.08
N PRO A 78 7.41 -6.02 16.36
CA PRO A 78 8.66 -6.08 15.60
C PRO A 78 8.84 -4.90 14.67
N GLY A 79 7.75 -4.37 14.10
CA GLY A 79 7.82 -3.20 13.23
C GLY A 79 8.42 -1.99 13.95
N TYR A 80 7.95 -1.72 15.17
CA TYR A 80 8.54 -0.64 15.97
C TYR A 80 9.96 -0.94 16.41
N LEU A 81 10.29 -2.19 16.72
CA LEU A 81 11.68 -2.52 17.07
C LEU A 81 12.61 -2.39 15.86
N GLU A 82 12.13 -2.81 14.69
CA GLU A 82 12.93 -2.72 13.46
C GLU A 82 13.10 -1.25 13.03
N ASN A 83 12.09 -0.40 13.27
CA ASN A 83 12.14 1.01 12.88
C ASN A 83 12.52 2.02 14.02
N ARG A 84 12.93 1.51 15.18
CA ARG A 84 13.21 2.35 16.36
C ARG A 84 14.17 3.52 16.13
N ASP A 85 15.36 3.21 15.61
CA ASP A 85 16.40 4.22 15.37
C ASP A 85 15.93 5.28 14.39
N ALA A 86 15.32 4.85 13.28
CA ALA A 86 14.77 5.79 12.30
C ALA A 86 13.69 6.68 12.89
N ILE A 87 12.91 6.13 13.82
CA ILE A 87 11.86 6.91 14.49
C ILE A 87 12.47 7.94 15.44
N LEU A 88 13.38 7.49 16.30
CA LEU A 88 14.05 8.39 17.24
C LEU A 88 14.83 9.51 16.53
N ALA A 89 15.33 9.23 15.33
CA ALA A 89 16.09 10.23 14.58
C ALA A 89 15.20 11.26 13.92
N ARG A 90 13.89 11.10 14.04
CA ARG A 90 12.98 12.11 13.49
C ARG A 90 12.32 12.98 14.55
N GLY A 91 13.03 13.26 15.63
CA GLY A 91 12.51 14.19 16.63
C GLY A 91 11.56 13.56 17.63
N VAL A 92 11.78 12.28 17.91
CA VAL A 92 10.95 11.56 18.86
C VAL A 92 11.85 11.20 20.01
N ASP A 93 11.42 11.54 21.22
CA ASP A 93 12.24 11.26 22.40
C ASP A 93 12.12 9.84 22.91
N ASP A 94 10.92 9.26 22.80
CA ASP A 94 10.65 7.93 23.39
C ASP A 94 9.62 7.11 22.61
N ILE A 95 9.70 5.79 22.75
CA ILE A 95 8.68 4.91 22.19
C ILE A 95 8.16 3.97 23.29
N ALA A 96 6.84 3.84 23.34
CA ALA A 96 6.19 2.96 24.31
C ALA A 96 5.13 2.09 23.66
N VAL A 97 5.06 0.83 24.10
CA VAL A 97 3.91 -0.03 23.83
C VAL A 97 3.13 -0.21 25.13
N VAL A 98 1.80 -0.19 25.05
CA VAL A 98 0.95 -0.42 26.19
C VAL A 98 0.02 -1.59 25.87
N ALA A 99 -0.27 -2.42 26.88
CA ALA A 99 -1.23 -3.54 26.71
C ALA A 99 -1.95 -3.80 28.02
N VAL A 100 -3.18 -4.32 27.92
CA VAL A 100 -3.92 -4.81 29.07
C VAL A 100 -3.41 -6.23 29.36
N ASN A 101 -2.21 -6.30 29.95
CA ASN A 101 -1.57 -7.52 30.46
C ASN A 101 -0.93 -7.15 31.80
N ASP A 102 -0.70 -8.15 32.65
CA ASP A 102 -0.02 -7.93 33.92
C ASP A 102 1.46 -7.60 33.68
N LEU A 103 2.14 -7.13 34.71
CA LEU A 103 3.50 -6.64 34.51
C LEU A 103 4.52 -7.75 34.26
N HIS A 104 4.28 -8.95 34.77
CA HIS A 104 5.22 -10.04 34.54
C HIS A 104 5.18 -10.54 33.09
N VAL A 105 3.99 -10.61 32.53
CA VAL A 105 3.86 -10.96 31.12
C VAL A 105 4.50 -9.86 30.26
N MSE A 106 4.23 -8.59 30.58
CA MSE A 106 4.85 -7.49 29.84
C MSE A 106 6.37 -7.59 29.86
O MSE A 106 7.00 -7.52 28.81
CB MSE A 106 4.41 -6.11 30.36
CG MSE A 106 3.01 -5.74 29.94
SE MSE A 106 2.74 -5.95 27.99
CE MSE A 106 3.42 -4.26 27.26
N GLY A 107 6.94 -7.82 31.06
CA GLY A 107 8.39 -8.01 31.20
C GLY A 107 8.94 -9.21 30.44
N ALA A 108 8.26 -10.34 30.52
CA ALA A 108 8.66 -11.51 29.73
C ALA A 108 8.62 -11.22 28.21
N TRP A 109 7.63 -10.45 27.78
CA TRP A 109 7.49 -10.10 26.36
C TRP A 109 8.60 -9.14 25.91
N ALA A 110 8.96 -8.20 26.77
CA ALA A 110 10.10 -7.31 26.51
C ALA A 110 11.36 -8.13 26.23
N THR A 111 11.60 -9.13 27.09
CA THR A 111 12.83 -9.93 27.03
C THR A 111 12.80 -10.81 25.77
N HIS A 112 11.67 -11.47 25.54
CA HIS A 112 11.63 -12.43 24.45
C HIS A 112 11.45 -11.82 23.06
N SER A 113 10.89 -10.63 22.98
CA SER A 113 10.83 -9.92 21.72
C SER A 113 12.15 -9.22 21.38
N GLY A 114 13.06 -9.14 22.35
CA GLY A 114 14.32 -8.39 22.19
C GLY A 114 14.11 -6.89 22.32
N GLY A 115 12.96 -6.47 22.83
CA GLY A 115 12.66 -5.06 23.02
C GLY A 115 13.05 -4.47 24.38
N MSE A 116 13.47 -5.31 25.31
CA MSE A 116 13.89 -4.84 26.63
C MSE A 116 14.98 -3.76 26.50
O MSE A 116 16.01 -3.99 25.88
CB MSE A 116 14.41 -6.00 27.48
CG MSE A 116 14.85 -5.58 28.88
SE MSE A 116 13.34 -4.89 29.90
CE MSE A 116 12.75 -6.55 30.75
N GLY A 117 14.70 -2.60 27.07
CA GLY A 117 15.65 -1.49 27.07
C GLY A 117 15.62 -0.60 25.84
N LYS A 118 14.90 -1.02 24.80
CA LYS A 118 14.84 -0.27 23.55
C LYS A 118 13.61 0.62 23.52
N ILE A 119 12.58 0.19 24.25
CA ILE A 119 11.24 0.74 24.15
C ILE A 119 10.56 0.48 25.50
N HIS A 120 9.69 1.38 25.94
CA HIS A 120 8.90 1.08 27.15
C HIS A 120 7.87 -0.05 26.90
N PHE A 121 7.74 -0.94 27.87
CA PHE A 121 6.68 -1.95 27.88
C PHE A 121 5.77 -1.65 29.07
N LEU A 122 4.63 -1.02 28.78
CA LEU A 122 3.75 -0.52 29.80
C LEU A 122 2.59 -1.47 30.02
N SER A 123 2.39 -1.83 31.29
CA SER A 123 1.30 -2.67 31.70
C SER A 123 0.11 -1.80 32.11
N ASP A 124 -1.01 -1.96 31.42
CA ASP A 124 -2.30 -1.35 31.78
C ASP A 124 -3.25 -2.48 32.23
N TRP A 125 -2.83 -3.17 33.29
CA TRP A 125 -3.36 -4.49 33.65
C TRP A 125 -4.90 -4.48 33.78
N ASN A 126 -5.45 -3.44 34.38
CA ASN A 126 -6.88 -3.37 34.57
C ASN A 126 -7.58 -2.51 33.56
N ALA A 127 -6.86 -2.14 32.49
CA ALA A 127 -7.44 -1.30 31.44
C ALA A 127 -7.92 0.06 31.92
N ALA A 128 -7.34 0.60 33.00
CA ALA A 128 -7.68 1.97 33.48
C ALA A 128 -7.46 3.07 32.44
N PHE A 129 -6.24 3.17 31.92
CA PHE A 129 -5.92 4.09 30.81
C PHE A 129 -6.78 3.83 29.56
N THR A 130 -6.80 2.57 29.14
CA THR A 130 -7.56 2.15 27.94
C THR A 130 -9.02 2.54 28.00
N LYS A 131 -9.66 2.22 29.12
CA LYS A 131 -11.03 2.64 29.39
C LYS A 131 -11.18 4.18 29.41
N ALA A 132 -10.28 4.88 30.09
CA ALA A 132 -10.36 6.33 30.21
C ALA A 132 -10.39 7.01 28.84
N ILE A 133 -9.58 6.51 27.91
CA ILE A 133 -9.52 7.09 26.57
C ILE A 133 -10.52 6.47 25.59
N GLY A 134 -11.35 5.53 26.07
CA GLY A 134 -12.42 4.94 25.26
C GLY A 134 -11.97 3.94 24.22
N MSE A 135 -10.84 3.27 24.49
CA MSE A 135 -10.25 2.33 23.55
C MSE A 135 -10.46 0.85 23.90
O MSE A 135 -9.70 -0.01 23.43
CB MSE A 135 -8.75 2.62 23.39
CG MSE A 135 -8.44 3.92 22.62
SE MSE A 135 -8.98 3.89 20.72
CE MSE A 135 -10.63 4.89 20.72
N GLU A 136 -11.47 0.53 24.70
CA GLU A 136 -11.72 -0.88 25.06
C GLU A 136 -12.22 -1.69 23.89
N ILE A 137 -11.88 -2.98 23.88
CA ILE A 137 -12.45 -3.89 22.91
C ILE A 137 -12.66 -5.25 23.58
N ASP A 138 -13.72 -5.93 23.16
CA ASP A 138 -14.04 -7.24 23.68
C ASP A 138 -13.50 -8.30 22.72
N LEU A 139 -12.47 -9.01 23.15
CA LEU A 139 -11.91 -10.11 22.38
C LEU A 139 -12.08 -11.43 23.14
N SER A 140 -13.22 -11.58 23.81
CA SER A 140 -13.58 -12.81 24.52
C SER A 140 -13.44 -14.06 23.67
N ALA A 141 -13.93 -13.99 22.43
CA ALA A 141 -13.90 -15.15 21.53
C ALA A 141 -12.50 -15.68 21.30
N GLY A 142 -11.51 -14.79 21.34
CA GLY A 142 -10.12 -15.19 21.14
C GLY A 142 -9.40 -15.53 22.44
N THR A 143 -10.15 -15.62 23.54
CA THR A 143 -9.65 -15.91 24.91
C THR A 143 -8.95 -14.71 25.58
N LEU A 144 -9.05 -13.53 24.98
CA LEU A 144 -8.38 -12.35 25.51
C LEU A 144 -9.23 -11.52 26.48
N GLY A 145 -10.55 -11.67 26.43
CA GLY A 145 -11.46 -10.81 27.21
C GLY A 145 -11.34 -9.34 26.80
N ILE A 146 -11.50 -8.43 27.79
CA ILE A 146 -11.43 -6.99 27.55
C ILE A 146 -9.99 -6.54 27.42
N ARG A 147 -9.69 -5.90 26.31
CA ARG A 147 -8.32 -5.47 25.98
C ARG A 147 -8.34 -4.09 25.32
N SER A 148 -7.19 -3.62 24.88
CA SER A 148 -7.16 -2.39 24.12
C SER A 148 -7.32 -2.69 22.62
N LYS A 149 -8.09 -1.87 21.93
CA LYS A 149 -7.95 -1.73 20.46
C LYS A 149 -6.49 -1.53 20.06
N ARG A 150 -6.12 -2.00 18.87
CA ARG A 150 -4.82 -1.66 18.31
C ARG A 150 -4.83 -0.21 17.78
N TYR A 151 -3.84 0.59 18.18
CA TYR A 151 -3.73 1.98 17.72
C TYR A 151 -2.29 2.42 17.86
N SER A 152 -1.95 3.51 17.18
CA SER A 152 -0.70 4.22 17.45
C SER A 152 -1.03 5.70 17.53
N MSE A 153 -0.23 6.45 18.26
CA MSE A 153 -0.46 7.87 18.36
C MSE A 153 0.85 8.59 18.53
O MSE A 153 1.80 8.05 19.10
CB MSE A 153 -1.46 8.23 19.46
CG MSE A 153 -1.12 7.69 20.82
SE MSE A 153 -2.34 8.35 22.22
CE MSE A 153 -4.02 7.44 21.83
N LEU A 154 0.93 9.79 17.96
CA LEU A 154 2.03 10.71 18.23
C LEU A 154 1.55 11.72 19.28
N VAL A 155 2.30 11.79 20.39
CA VAL A 155 1.89 12.59 21.53
C VAL A 155 2.96 13.67 21.80
N GLU A 156 2.53 14.94 21.83
CA GLU A 156 3.47 16.06 22.02
C GLU A 156 3.16 16.78 23.30
N ASP A 157 4.12 16.81 24.22
CA ASP A 157 3.89 17.31 25.58
C ASP A 157 2.49 16.90 26.06
N GLY A 158 2.19 15.60 25.97
CA GLY A 158 0.94 15.06 26.48
C GLY A 158 -0.28 15.27 25.62
N VAL A 159 -0.11 15.87 24.44
CA VAL A 159 -1.26 16.18 23.56
C VAL A 159 -1.23 15.29 22.31
N VAL A 160 -2.38 14.71 21.97
CA VAL A 160 -2.49 13.81 20.79
C VAL A 160 -2.42 14.60 19.48
N LYS A 161 -1.36 14.36 18.71
CA LYS A 161 -1.14 15.05 17.46
C LYS A 161 -1.47 14.20 16.23
N ALA A 162 -1.29 12.89 16.36
CA ALA A 162 -1.69 11.94 15.31
C ALA A 162 -2.20 10.68 15.98
N LEU A 163 -3.26 10.11 15.41
CA LEU A 163 -3.95 8.99 16.00
C LEU A 163 -4.40 8.05 14.89
N ASN A 164 -3.98 6.79 14.98
CA ASN A 164 -4.32 5.77 13.99
C ASN A 164 -4.93 4.58 14.70
N ILE A 165 -6.25 4.46 14.62
CA ILE A 165 -6.99 3.39 15.30
C ILE A 165 -7.40 2.31 14.30
N GLU A 166 -7.07 1.06 14.59
CA GLU A 166 -7.48 -0.07 13.72
C GLU A 166 -8.94 -0.46 13.94
N GLU A 167 -9.68 -0.56 12.86
CA GLU A 167 -11.06 -1.08 12.93
C GLU A 167 -11.06 -2.58 13.28
N SER A 168 -9.97 -3.25 12.97
CA SER A 168 -9.88 -4.68 13.19
C SER A 168 -8.55 -5.00 13.88
N PRO A 169 -8.60 -5.75 14.99
CA PRO A 169 -7.38 -6.06 15.73
C PRO A 169 -6.39 -6.93 14.97
N GLY A 170 -6.85 -7.65 13.94
CA GLY A 170 -5.97 -8.47 13.10
C GLY A 170 -5.24 -7.67 12.03
N GLN A 171 -5.50 -6.38 11.99
CA GLN A 171 -4.80 -5.47 11.08
C GLN A 171 -3.85 -4.59 11.87
N ALA A 172 -2.73 -4.24 11.25
CA ALA A 172 -1.68 -3.45 11.88
C ALA A 172 -0.93 -2.55 10.89
N THR A 173 -1.63 -2.01 9.90
CA THR A 173 -0.96 -1.18 8.91
C THR A 173 -1.01 0.30 9.26
N ALA A 174 -2.23 0.86 9.32
CA ALA A 174 -2.43 2.24 9.75
C ALA A 174 -1.71 2.56 11.07
N SER A 175 -1.68 1.60 11.99
CA SER A 175 -1.04 1.78 13.31
C SER A 175 0.40 1.27 13.37
N GLY A 176 0.92 0.80 12.24
CA GLY A 176 2.26 0.21 12.16
C GLY A 176 3.38 1.23 12.15
N ALA A 177 4.60 0.75 12.43
CA ALA A 177 5.78 1.62 12.49
C ALA A 177 6.05 2.31 11.16
N ALA A 178 5.93 1.57 10.07
CA ALA A 178 6.17 2.13 8.75
C ALA A 178 5.26 3.32 8.49
N ALA A 179 3.97 3.18 8.79
CA ALA A 179 3.03 4.31 8.67
C ALA A 179 3.36 5.49 9.61
N MSE A 180 3.81 5.19 10.82
CA MSE A 180 4.21 6.25 11.75
C MSE A 180 5.38 7.07 11.17
O MSE A 180 5.31 8.31 11.17
CB MSE A 180 4.57 5.68 13.14
CG MSE A 180 4.99 6.74 14.17
SE MSE A 180 3.63 8.12 14.42
CE MSE A 180 2.23 7.08 15.33
N LEU A 181 6.42 6.40 10.69
CA LEU A 181 7.56 7.07 10.06
C LEU A 181 7.17 8.07 8.97
N GLU A 182 6.15 7.72 8.19
CA GLU A 182 5.59 8.63 7.18
C GLU A 182 4.94 9.87 7.76
N LEU A 183 4.51 9.79 9.02
CA LEU A 183 3.83 10.92 9.66
C LEU A 183 4.80 11.89 10.30
N LEU A 184 6.00 11.42 10.58
CA LEU A 184 7.01 12.23 11.26
C LEU A 184 7.75 13.11 10.26
N MSE B 24 -12.56 -24.64 -4.78
CA MSE B 24 -11.64 -24.60 -5.97
C MSE B 24 -10.26 -23.98 -5.66
O MSE B 24 -9.51 -23.62 -6.57
CB MSE B 24 -12.31 -23.85 -7.13
CG MSE B 24 -13.45 -24.62 -7.81
SE MSE B 24 -13.00 -26.34 -8.70
CE MSE B 24 -11.32 -25.88 -9.58
N THR B 25 -9.91 -23.88 -4.39
CA THR B 25 -8.65 -23.24 -3.97
C THR B 25 -7.56 -24.27 -3.70
N ILE B 26 -6.36 -24.01 -4.20
CA ILE B 26 -5.19 -24.86 -3.92
C ILE B 26 -5.03 -25.10 -2.41
N ALA B 27 -4.52 -26.29 -2.06
CA ALA B 27 -4.36 -26.72 -0.66
C ALA B 27 -2.99 -27.36 -0.46
N VAL B 28 -2.59 -27.47 0.80
CA VAL B 28 -1.42 -28.26 1.20
C VAL B 28 -1.43 -29.66 0.55
N GLY B 29 -0.29 -30.08 -0.01
CA GLY B 29 -0.22 -31.38 -0.67
C GLY B 29 -0.33 -31.32 -2.18
N ASP B 30 -1.03 -30.30 -2.70
CA ASP B 30 -1.22 -30.12 -4.16
C ASP B 30 0.06 -29.67 -4.86
N LYS B 31 0.20 -30.05 -6.14
CA LYS B 31 1.21 -29.50 -7.03
C LYS B 31 0.75 -28.13 -7.54
N LEU B 32 1.67 -27.18 -7.66
CA LEU B 32 1.38 -25.92 -8.31
C LEU B 32 1.19 -26.12 -9.83
N PRO B 33 0.22 -25.40 -10.43
CA PRO B 33 0.05 -25.46 -11.88
C PRO B 33 1.23 -24.79 -12.58
N ASN B 34 1.47 -25.16 -13.84
CA ASN B 34 2.49 -24.48 -14.63
C ASN B 34 2.03 -23.05 -14.88
N ALA B 35 2.98 -22.11 -14.88
CA ALA B 35 2.68 -20.72 -15.17
C ALA B 35 3.97 -20.07 -15.61
N THR B 36 3.84 -18.95 -16.30
CA THR B 36 4.97 -18.13 -16.68
C THR B 36 4.71 -16.72 -16.14
N PHE B 37 5.71 -16.19 -15.46
CA PHE B 37 5.64 -14.83 -14.96
C PHE B 37 6.65 -14.03 -15.74
N LYS B 38 6.40 -12.73 -15.82
CA LYS B 38 7.36 -11.78 -16.35
C LYS B 38 7.97 -11.02 -15.17
N GLU B 39 9.27 -10.75 -15.26
CA GLU B 39 9.96 -9.99 -14.23
C GLU B 39 10.85 -8.96 -14.91
N LYS B 40 10.81 -7.72 -14.41
CA LYS B 40 11.71 -6.68 -14.87
C LYS B 40 12.94 -6.70 -13.98
N THR B 41 14.06 -7.15 -14.53
CA THR B 41 15.30 -7.29 -13.77
C THR B 41 16.37 -6.29 -14.24
N ALA B 42 17.36 -6.05 -13.38
CA ALA B 42 18.41 -5.06 -13.64
C ALA B 42 18.92 -5.06 -15.08
N ASP B 43 19.06 -6.26 -15.65
CA ASP B 43 19.62 -6.45 -17.00
C ASP B 43 18.56 -6.35 -18.10
N GLY B 44 17.29 -6.24 -17.72
CA GLY B 44 16.17 -6.13 -18.66
C GLY B 44 14.98 -6.98 -18.24
N PRO B 45 13.89 -6.95 -19.02
CA PRO B 45 12.72 -7.81 -18.78
C PRO B 45 13.02 -9.27 -19.08
N VAL B 46 12.29 -10.18 -18.45
CA VAL B 46 12.60 -11.62 -18.46
C VAL B 46 11.37 -12.47 -18.15
N GLU B 47 11.33 -13.68 -18.68
CA GLU B 47 10.26 -14.65 -18.34
C GLU B 47 10.75 -15.62 -17.28
N VAL B 48 9.90 -15.88 -16.28
CA VAL B 48 10.21 -16.80 -15.20
C VAL B 48 9.11 -17.83 -15.11
N THR B 49 9.46 -19.08 -15.37
CA THR B 49 8.50 -20.16 -15.38
C THR B 49 8.45 -20.79 -14.00
N THR B 50 7.33 -21.42 -13.68
CA THR B 50 7.21 -22.12 -12.41
C THR B 50 8.29 -23.22 -12.31
N GLU B 51 8.59 -23.88 -13.44
CA GLU B 51 9.66 -24.89 -13.49
C GLU B 51 10.99 -24.30 -13.04
N LEU B 52 11.39 -23.19 -13.66
CA LEU B 52 12.62 -22.52 -13.25
C LEU B 52 12.58 -22.10 -11.76
N LEU B 53 11.45 -21.56 -11.31
CA LEU B 53 11.37 -21.04 -9.95
C LEU B 53 11.39 -22.14 -8.91
N PHE B 54 10.61 -23.19 -9.16
CA PHE B 54 10.29 -24.17 -8.13
C PHE B 54 10.97 -25.54 -8.21
N LYS B 55 11.38 -25.99 -9.40
CA LYS B 55 11.82 -27.39 -9.56
C LYS B 55 13.07 -27.70 -8.77
N GLY B 56 12.99 -28.74 -7.94
CA GLY B 56 14.11 -29.16 -7.09
C GLY B 56 14.50 -28.14 -6.04
N LYS B 57 13.60 -27.21 -5.73
CA LYS B 57 13.91 -26.13 -4.79
C LYS B 57 12.93 -26.04 -3.62
N ARG B 58 13.39 -25.42 -2.55
CA ARG B 58 12.54 -25.05 -1.43
C ARG B 58 12.32 -23.55 -1.58
N VAL B 59 11.07 -23.14 -1.81
CA VAL B 59 10.79 -21.76 -2.17
C VAL B 59 9.69 -21.16 -1.31
N VAL B 60 9.91 -19.92 -0.88
CA VAL B 60 8.86 -19.15 -0.19
C VAL B 60 8.21 -18.21 -1.19
N LEU B 61 6.91 -18.37 -1.38
CA LEU B 61 6.16 -17.51 -2.27
C LEU B 61 5.07 -16.80 -1.48
N PHE B 62 5.02 -15.47 -1.57
CA PHE B 62 3.88 -14.73 -1.05
C PHE B 62 3.24 -13.84 -2.11
N ALA B 63 1.93 -13.73 -2.08
CA ALA B 63 1.17 -12.95 -3.03
C ALA B 63 0.64 -11.70 -2.34
N VAL B 64 0.61 -10.59 -3.07
CA VAL B 64 0.04 -9.32 -2.59
C VAL B 64 -1.07 -8.84 -3.53
N PRO B 65 -2.13 -8.22 -2.99
CA PRO B 65 -3.16 -7.61 -3.83
C PRO B 65 -2.61 -6.57 -4.82
N GLY B 66 -1.58 -5.81 -4.44
CA GLY B 66 -1.10 -4.79 -5.34
C GLY B 66 0.15 -4.04 -4.96
N ALA B 67 1.06 -3.93 -5.92
CA ALA B 67 2.20 -3.05 -5.73
C ALA B 67 1.69 -1.68 -5.32
N PHE B 68 2.43 -1.03 -4.43
CA PHE B 68 2.16 0.35 -4.01
C PHE B 68 0.91 0.59 -3.17
N THR B 69 0.23 -0.50 -2.79
CA THR B 69 -0.95 -0.37 -1.92
C THR B 69 -0.51 -0.41 -0.45
N PRO B 70 -1.29 0.17 0.48
CA PRO B 70 -0.75 0.38 1.87
C PRO B 70 -0.25 -0.88 2.60
N THR B 71 -1.08 -1.91 2.76
CA THR B 71 -0.65 -3.08 3.55
C THR B 71 0.51 -3.83 2.86
N CYS B 72 0.39 -3.97 1.54
CA CYS B 72 1.44 -4.60 0.75
C CYS B 72 2.78 -3.88 0.90
N SER B 73 2.75 -2.55 0.86
CA SER B 73 3.99 -1.79 0.77
C SER B 73 4.57 -1.40 2.12
N LEU B 74 3.71 -1.18 3.10
CA LEU B 74 4.15 -0.71 4.41
C LEU B 74 4.41 -1.88 5.35
N ASN B 75 3.79 -3.02 5.06
CA ASN B 75 3.80 -4.13 6.00
C ASN B 75 4.30 -5.45 5.42
N HIS B 76 3.60 -5.96 4.40
CA HIS B 76 3.80 -7.31 3.92
C HIS B 76 5.18 -7.52 3.28
N LEU B 77 5.48 -6.74 2.24
CA LEU B 77 6.76 -6.86 1.54
C LEU B 77 7.95 -6.49 2.44
N PRO B 78 7.87 -5.38 3.18
CA PRO B 78 9.03 -5.04 4.06
C PRO B 78 9.38 -6.15 5.03
N GLY B 79 8.39 -6.88 5.53
CA GLY B 79 8.66 -8.00 6.44
C GLY B 79 9.50 -9.09 5.80
N TYR B 80 9.28 -9.35 4.51
CA TYR B 80 10.06 -10.37 3.80
C TYR B 80 11.46 -9.88 3.47
N LEU B 81 11.59 -8.60 3.15
CA LEU B 81 12.89 -7.98 2.85
C LEU B 81 13.77 -7.88 4.10
N GLU B 82 13.13 -7.60 5.24
CA GLU B 82 13.83 -7.51 6.52
C GLU B 82 14.27 -8.88 7.00
N ASN B 83 13.47 -9.90 6.69
CA ASN B 83 13.72 -11.26 7.12
C ASN B 83 14.30 -12.16 6.03
N ARG B 84 14.69 -11.58 4.90
CA ARG B 84 15.17 -12.36 3.76
C ARG B 84 16.29 -13.31 4.17
N ASP B 85 17.37 -12.74 4.73
CA ASP B 85 18.56 -13.51 5.09
C ASP B 85 18.24 -14.66 6.03
N ALA B 86 17.46 -14.39 7.08
CA ALA B 86 17.05 -15.43 8.04
C ALA B 86 16.24 -16.55 7.36
N ILE B 87 15.44 -16.19 6.36
CA ILE B 87 14.64 -17.19 5.65
C ILE B 87 15.53 -18.10 4.80
N LEU B 88 16.39 -17.50 3.97
CA LEU B 88 17.34 -18.24 3.14
C LEU B 88 18.24 -19.17 3.96
N ALA B 89 18.61 -18.73 5.17
CA ALA B 89 19.46 -19.48 6.07
C ALA B 89 18.76 -20.68 6.71
N ARG B 90 17.45 -20.78 6.54
CA ARG B 90 16.70 -21.92 7.08
C ARG B 90 16.35 -22.96 5.99
N GLY B 91 17.25 -23.09 5.02
CA GLY B 91 17.11 -24.10 3.98
C GLY B 91 16.16 -23.74 2.84
N VAL B 92 15.98 -22.45 2.62
CA VAL B 92 15.12 -21.95 1.54
C VAL B 92 16.02 -21.42 0.42
N ASP B 93 15.75 -21.89 -0.80
CA ASP B 93 16.58 -21.56 -1.96
C ASP B 93 16.25 -20.21 -2.57
N ASP B 94 14.97 -19.81 -2.50
CA ASP B 94 14.52 -18.60 -3.19
C ASP B 94 13.23 -18.01 -2.61
N ILE B 95 13.11 -16.69 -2.71
CA ILE B 95 11.92 -15.97 -2.29
C ILE B 95 11.34 -15.16 -3.46
N ALA B 96 10.01 -15.21 -3.61
CA ALA B 96 9.32 -14.41 -4.62
C ALA B 96 8.06 -13.76 -4.08
N VAL B 97 7.80 -12.54 -4.56
CA VAL B 97 6.48 -11.94 -4.42
C VAL B 97 5.76 -11.99 -5.77
N VAL B 98 4.46 -12.26 -5.75
CA VAL B 98 3.67 -12.23 -6.97
C VAL B 98 2.48 -11.28 -6.78
N ALA B 99 2.18 -10.49 -7.82
CA ALA B 99 1.01 -9.63 -7.82
C ALA B 99 0.36 -9.57 -9.20
N VAL B 100 -0.96 -9.34 -9.20
CA VAL B 100 -1.66 -9.01 -10.42
C VAL B 100 -1.36 -7.53 -10.71
N ASN B 101 -0.16 -7.30 -11.22
CA ASN B 101 0.29 -6.00 -11.67
C ASN B 101 1.11 -6.21 -12.93
N ASP B 102 1.14 -5.18 -13.79
CA ASP B 102 1.99 -5.21 -14.98
C ASP B 102 3.46 -5.13 -14.58
N LEU B 103 4.34 -5.55 -15.49
CA LEU B 103 5.74 -5.75 -15.17
C LEU B 103 6.48 -4.45 -14.91
N HIS B 104 6.01 -3.34 -15.49
CA HIS B 104 6.68 -2.05 -15.28
C HIS B 104 6.41 -1.52 -13.87
N VAL B 105 5.17 -1.66 -13.42
CA VAL B 105 4.78 -1.35 -12.05
C VAL B 105 5.55 -2.24 -11.05
N MSE B 106 5.68 -3.53 -11.37
CA MSE B 106 6.43 -4.47 -10.51
C MSE B 106 7.89 -4.08 -10.39
O MSE B 106 8.42 -3.98 -9.28
CB MSE B 106 6.32 -5.92 -11.01
CG MSE B 106 4.99 -6.59 -10.70
SE MSE B 106 4.51 -6.45 -8.79
CE MSE B 106 5.42 -8.02 -8.08
N GLY B 107 8.54 -3.82 -11.52
CA GLY B 107 9.94 -3.41 -11.53
C GLY B 107 10.14 -2.09 -10.81
N ALA B 108 9.20 -1.17 -10.97
CA ALA B 108 9.25 0.10 -10.24
C ALA B 108 9.07 -0.12 -8.72
N TRP B 109 8.20 -1.06 -8.36
CA TRP B 109 7.97 -1.37 -6.95
C TRP B 109 9.20 -2.01 -6.32
N ALA B 110 9.85 -2.90 -7.07
CA ALA B 110 11.08 -3.55 -6.64
C ALA B 110 12.18 -2.54 -6.34
N THR B 111 12.28 -1.51 -7.17
CA THR B 111 13.34 -0.50 -7.03
C THR B 111 13.02 0.37 -5.83
N HIS B 112 11.76 0.78 -5.71
CA HIS B 112 11.41 1.74 -4.68
C HIS B 112 11.26 1.13 -3.29
N SER B 113 10.93 -0.15 -3.22
CA SER B 113 10.84 -0.84 -1.95
C SER B 113 12.24 -1.16 -1.43
N GLY B 114 13.22 -1.18 -2.33
CA GLY B 114 14.58 -1.63 -2.00
C GLY B 114 14.69 -3.15 -2.10
N GLY B 115 13.74 -3.77 -2.80
CA GLY B 115 13.71 -5.22 -2.94
C GLY B 115 14.38 -5.75 -4.19
N MSE B 116 14.61 -4.87 -5.16
CA MSE B 116 15.27 -5.26 -6.41
C MSE B 116 16.57 -6.03 -6.17
O MSE B 116 17.48 -5.53 -5.51
CB MSE B 116 15.54 -4.03 -7.27
CG MSE B 116 16.25 -4.34 -8.58
SE MSE B 116 15.05 -5.26 -9.80
CE MSE B 116 14.19 -3.69 -10.63
N GLY B 117 16.63 -7.24 -6.72
CA GLY B 117 17.80 -8.12 -6.59
C GLY B 117 17.85 -8.95 -5.31
N LYS B 118 16.85 -8.80 -4.45
CA LYS B 118 16.80 -9.49 -3.17
C LYS B 118 15.87 -10.69 -3.23
N ILE B 119 14.73 -10.49 -3.89
CA ILE B 119 13.72 -11.51 -4.07
C ILE B 119 13.16 -11.28 -5.47
N HIS B 120 12.52 -12.31 -6.05
CA HIS B 120 11.83 -12.14 -7.32
C HIS B 120 10.59 -11.27 -7.14
N PHE B 121 10.36 -10.38 -8.09
CA PHE B 121 9.10 -9.64 -8.17
C PHE B 121 8.36 -10.12 -9.41
N LEU B 122 7.37 -10.99 -9.19
CA LEU B 122 6.71 -11.70 -10.27
C LEU B 122 5.42 -11.04 -10.68
N SER B 123 5.35 -10.70 -11.97
CA SER B 123 4.15 -10.15 -12.55
C SER B 123 3.25 -11.30 -13.02
N ASP B 124 2.03 -11.32 -12.45
CA ASP B 124 0.97 -12.21 -12.89
C ASP B 124 -0.15 -11.33 -13.42
N TRP B 125 0.18 -10.59 -14.49
CA TRP B 125 -0.58 -9.40 -14.88
C TRP B 125 -2.03 -9.66 -15.17
N ASN B 126 -2.33 -10.84 -15.69
CA ASN B 126 -3.68 -11.16 -16.08
C ASN B 126 -4.31 -12.13 -15.13
N ALA B 127 -3.63 -12.39 -14.01
CA ALA B 127 -4.16 -13.24 -12.96
C ALA B 127 -4.30 -14.72 -13.38
N ALA B 128 -3.48 -15.14 -14.34
CA ALA B 128 -3.50 -16.51 -14.87
C ALA B 128 -3.11 -17.49 -13.77
N PHE B 129 -1.95 -17.27 -13.18
CA PHE B 129 -1.54 -18.11 -12.06
C PHE B 129 -2.55 -18.00 -10.90
N THR B 130 -2.86 -16.76 -10.50
CA THR B 130 -3.83 -16.49 -9.41
C THR B 130 -5.18 -17.18 -9.57
N LYS B 131 -5.70 -17.19 -10.81
CA LYS B 131 -6.94 -17.90 -11.12
C LYS B 131 -6.76 -19.42 -10.98
N ALA B 132 -5.68 -19.93 -11.55
CA ALA B 132 -5.43 -21.37 -11.61
C ALA B 132 -5.41 -21.98 -10.20
N ILE B 133 -4.89 -21.22 -9.23
CA ILE B 133 -4.87 -21.67 -7.83
C ILE B 133 -6.09 -21.25 -6.99
N GLY B 134 -7.05 -20.59 -7.62
CA GLY B 134 -8.30 -20.23 -6.96
C GLY B 134 -8.16 -19.11 -5.92
N MSE B 135 -7.24 -18.19 -6.18
CA MSE B 135 -6.92 -17.12 -5.25
C MSE B 135 -7.40 -15.71 -5.62
O MSE B 135 -6.98 -14.74 -5.00
CB MSE B 135 -5.39 -17.08 -5.05
CG MSE B 135 -4.85 -18.20 -4.17
SE MSE B 135 -5.56 -18.18 -2.33
CE MSE B 135 -4.91 -16.48 -1.75
N GLU B 136 -8.25 -15.59 -6.64
CA GLU B 136 -8.71 -14.27 -7.08
C GLU B 136 -9.63 -13.63 -6.04
N ILE B 137 -9.63 -12.30 -5.97
CA ILE B 137 -10.59 -11.55 -5.17
C ILE B 137 -10.92 -10.26 -5.89
N ASP B 138 -12.18 -9.87 -5.80
CA ASP B 138 -12.68 -8.70 -6.50
C ASP B 138 -12.59 -7.48 -5.59
N LEU B 139 -11.58 -6.65 -5.85
CA LEU B 139 -11.34 -5.46 -5.06
C LEU B 139 -11.65 -4.22 -5.88
N SER B 140 -12.73 -4.32 -6.66
CA SER B 140 -13.23 -3.22 -7.50
C SER B 140 -13.47 -1.92 -6.72
N ALA B 141 -14.06 -2.05 -5.53
CA ALA B 141 -14.35 -0.92 -4.64
C ALA B 141 -13.12 -0.06 -4.34
N GLY B 142 -11.94 -0.70 -4.28
CA GLY B 142 -10.67 -0.02 -4.00
C GLY B 142 -9.94 0.43 -5.26
N THR B 143 -10.59 0.28 -6.41
CA THR B 143 -10.01 0.57 -7.75
C THR B 143 -8.99 -0.48 -8.20
N LEU B 144 -8.94 -1.61 -7.50
CA LEU B 144 -7.96 -2.64 -7.80
C LEU B 144 -8.48 -3.64 -8.83
N GLY B 145 -9.81 -3.78 -8.87
CA GLY B 145 -10.45 -4.83 -9.65
C GLY B 145 -10.04 -6.22 -9.15
N ILE B 146 -9.88 -7.15 -10.08
CA ILE B 146 -9.50 -8.53 -9.75
C ILE B 146 -8.02 -8.64 -9.41
N ARG B 147 -7.72 -9.20 -8.25
CA ARG B 147 -6.35 -9.29 -7.75
C ARG B 147 -6.16 -10.60 -7.03
N SER B 148 -4.94 -10.86 -6.56
CA SER B 148 -4.72 -12.02 -5.70
C SER B 148 -5.11 -11.67 -4.28
N LYS B 149 -5.72 -12.60 -3.60
CA LYS B 149 -5.76 -12.59 -2.14
C LYS B 149 -4.33 -12.55 -1.63
N ARG B 150 -4.17 -12.10 -0.39
CA ARG B 150 -2.86 -12.13 0.24
C ARG B 150 -2.66 -13.52 0.81
N TYR B 151 -1.54 -14.15 0.49
CA TYR B 151 -1.25 -15.46 1.03
C TYR B 151 0.24 -15.64 1.06
N SER B 152 0.71 -16.63 1.83
CA SER B 152 2.09 -17.09 1.71
C SER B 152 2.10 -18.62 1.56
N MSE B 153 3.14 -19.15 0.94
CA MSE B 153 3.26 -20.61 0.86
C MSE B 153 4.69 -21.04 0.81
O MSE B 153 5.55 -20.31 0.35
CB MSE B 153 2.47 -21.17 -0.35
CG MSE B 153 2.89 -20.64 -1.69
SE MSE B 153 2.00 -21.57 -3.19
CE MSE B 153 0.15 -21.10 -2.93
N LEU B 154 4.94 -22.23 1.34
CA LEU B 154 6.25 -22.85 1.24
C LEU B 154 6.09 -23.93 0.21
N VAL B 155 6.94 -23.90 -0.82
CA VAL B 155 6.82 -24.88 -1.91
C VAL B 155 8.11 -25.72 -2.04
N GLU B 156 7.94 -27.04 -2.06
CA GLU B 156 9.08 -27.95 -2.19
C GLU B 156 8.94 -28.77 -3.46
N ASP B 157 9.87 -28.58 -4.39
CA ASP B 157 9.79 -29.20 -5.71
C ASP B 157 8.38 -29.11 -6.32
N GLY B 158 7.79 -27.90 -6.28
CA GLY B 158 6.48 -27.65 -6.92
C GLY B 158 5.27 -28.11 -6.14
N VAL B 159 5.50 -28.68 -4.96
CA VAL B 159 4.42 -29.17 -4.11
C VAL B 159 4.20 -28.20 -2.93
N VAL B 160 2.94 -27.82 -2.68
CA VAL B 160 2.60 -26.93 -1.56
C VAL B 160 2.71 -27.68 -0.23
N LYS B 161 3.68 -27.29 0.59
CA LYS B 161 3.90 -27.85 1.95
C LYS B 161 3.30 -27.03 3.11
N ALA B 162 3.23 -25.71 2.93
CA ALA B 162 2.59 -24.83 3.91
C ALA B 162 1.85 -23.73 3.16
N LEU B 163 0.64 -23.39 3.63
CA LEU B 163 -0.18 -22.37 2.99
C LEU B 163 -0.87 -21.46 3.99
N ASN B 164 -0.70 -20.14 3.83
CA ASN B 164 -1.35 -19.20 4.73
C ASN B 164 -2.15 -18.16 3.96
N ILE B 165 -3.46 -18.22 4.11
CA ILE B 165 -4.38 -17.37 3.37
C ILE B 165 -5.06 -16.36 4.30
N GLU B 166 -5.05 -15.08 3.92
CA GLU B 166 -5.76 -14.04 4.66
C GLU B 166 -7.19 -13.95 4.18
N GLU B 167 -8.13 -13.85 5.12
CA GLU B 167 -9.54 -13.66 4.81
C GLU B 167 -9.82 -12.24 4.34
N SER B 168 -8.90 -11.33 4.65
CA SER B 168 -9.07 -9.94 4.30
C SER B 168 -7.70 -9.36 3.92
N PRO B 169 -7.64 -8.60 2.82
CA PRO B 169 -6.35 -8.08 2.32
C PRO B 169 -5.62 -7.13 3.30
N GLY B 170 -6.36 -6.51 4.20
CA GLY B 170 -5.76 -5.63 5.20
C GLY B 170 -4.96 -6.33 6.28
N GLN B 171 -5.09 -7.64 6.40
CA GLN B 171 -4.33 -8.43 7.37
C GLN B 171 -3.10 -8.94 6.66
N ALA B 172 -2.03 -9.19 7.44
CA ALA B 172 -0.77 -9.71 6.90
C ALA B 172 0.07 -10.35 8.01
N THR B 173 -0.60 -11.07 8.92
CA THR B 173 0.12 -11.74 9.99
C THR B 173 0.36 -13.19 9.62
N ALA B 174 -0.71 -13.97 9.45
CA ALA B 174 -0.55 -15.38 9.01
C ALA B 174 0.37 -15.52 7.77
N SER B 175 0.28 -14.57 6.84
CA SER B 175 1.06 -14.64 5.59
C SER B 175 2.39 -13.89 5.65
N GLY B 176 2.67 -13.29 6.81
CA GLY B 176 3.85 -12.44 6.97
C GLY B 176 5.14 -13.22 7.10
N ALA B 177 6.27 -12.53 6.92
CA ALA B 177 7.58 -13.16 6.97
C ALA B 177 7.90 -13.78 8.34
N ALA B 178 7.52 -13.09 9.41
CA ALA B 178 7.78 -13.61 10.76
C ALA B 178 7.08 -14.95 11.05
N ALA B 179 5.80 -15.08 10.66
CA ALA B 179 5.08 -16.36 10.77
C ALA B 179 5.68 -17.44 9.87
N MSE B 180 6.15 -17.05 8.69
CA MSE B 180 6.82 -17.98 7.78
C MSE B 180 8.08 -18.52 8.45
O MSE B 180 8.33 -19.74 8.44
CB MSE B 180 7.15 -17.33 6.43
CG MSE B 180 7.82 -18.24 5.40
SE MSE B 180 6.97 -20.01 5.11
CE MSE B 180 5.32 -19.42 4.20
N LEU B 181 8.86 -17.63 9.05
CA LEU B 181 10.06 -17.99 9.80
C LEU B 181 9.85 -19.08 10.83
N GLU B 182 8.68 -19.08 11.47
CA GLU B 182 8.34 -20.08 12.49
C GLU B 182 8.10 -21.46 11.91
N LEU B 183 7.62 -21.49 10.67
CA LEU B 183 7.35 -22.75 9.96
C LEU B 183 8.61 -23.44 9.49
N LEU B 184 9.64 -22.66 9.24
CA LEU B 184 10.88 -23.19 8.69
C LEU B 184 11.70 -23.91 9.75
N ASN C 17 -21.54 -10.33 -24.98
CA ASN C 17 -21.69 -9.66 -26.31
C ASN C 17 -20.76 -10.23 -27.40
N LEU C 18 -21.37 -10.79 -28.45
CA LEU C 18 -20.64 -11.44 -29.56
C LEU C 18 -19.79 -10.47 -30.36
N TYR C 19 -20.46 -9.43 -30.85
CA TYR C 19 -19.91 -8.48 -31.81
C TYR C 19 -18.92 -7.52 -31.20
N PHE C 20 -17.97 -7.06 -32.01
CA PHE C 20 -17.10 -5.99 -31.58
C PHE C 20 -17.86 -4.67 -31.45
N GLN C 21 -17.90 -4.13 -30.24
CA GLN C 21 -18.54 -2.86 -30.00
C GLN C 21 -17.52 -1.95 -29.42
N SER C 22 -17.37 -0.78 -30.02
CA SER C 22 -16.54 0.26 -29.45
C SER C 22 -17.24 1.59 -29.60
N MSE C 23 -17.07 2.45 -28.60
CA MSE C 23 -17.69 3.76 -28.65
C MSE C 23 -16.97 4.60 -29.68
O MSE C 23 -15.80 4.38 -30.03
CB MSE C 23 -17.69 4.48 -27.29
CG MSE C 23 -18.58 3.87 -26.24
SE MSE C 23 -20.51 4.05 -26.54
CE MSE C 23 -21.16 3.16 -24.94
N MSE C 24 -17.72 5.55 -30.19
CA MSE C 24 -17.21 6.50 -31.15
C MSE C 24 -16.13 7.33 -30.47
O MSE C 24 -16.31 7.80 -29.35
CB MSE C 24 -18.36 7.41 -31.55
CG MSE C 24 -18.27 7.84 -32.95
SE MSE C 24 -19.68 9.09 -33.35
CE MSE C 24 -18.85 9.73 -35.02
N THR C 25 -15.00 7.49 -31.15
CA THR C 25 -13.93 8.33 -30.65
C THR C 25 -14.44 9.77 -30.51
N ILE C 26 -14.31 10.29 -29.30
CA ILE C 26 -14.56 11.70 -29.00
C ILE C 26 -13.87 12.57 -30.05
N ALA C 27 -14.47 13.70 -30.37
CA ALA C 27 -13.89 14.62 -31.35
C ALA C 27 -13.98 16.07 -30.89
N VAL C 28 -13.19 16.92 -31.53
CA VAL C 28 -13.25 18.38 -31.29
C VAL C 28 -14.68 18.85 -31.47
N GLY C 29 -15.21 19.48 -30.43
CA GLY C 29 -16.57 20.00 -30.46
C GLY C 29 -17.54 19.24 -29.58
N ASP C 30 -17.21 17.97 -29.28
CA ASP C 30 -18.03 17.13 -28.40
C ASP C 30 -17.86 17.52 -26.94
N LYS C 31 -18.92 17.35 -26.16
CA LYS C 31 -18.83 17.47 -24.73
C LYS C 31 -18.35 16.14 -24.14
N LEU C 32 -17.40 16.20 -23.21
CA LEU C 32 -16.96 15.03 -22.43
C LEU C 32 -18.12 14.44 -21.63
N PRO C 33 -18.19 13.10 -21.55
CA PRO C 33 -19.19 12.44 -20.72
C PRO C 33 -19.01 12.69 -19.24
N ASN C 34 -20.10 12.66 -18.48
CA ASN C 34 -20.04 12.70 -17.04
C ASN C 34 -19.35 11.44 -16.53
N ALA C 35 -18.38 11.65 -15.66
CA ALA C 35 -17.57 10.56 -15.12
C ALA C 35 -16.99 10.92 -13.77
N THR C 36 -16.49 9.91 -13.09
CA THR C 36 -15.87 10.07 -11.79
C THR C 36 -14.50 9.41 -11.84
N PHE C 37 -13.53 10.06 -11.21
CA PHE C 37 -12.21 9.48 -11.01
C PHE C 37 -11.86 9.54 -9.54
N LYS C 38 -10.92 8.70 -9.13
CA LYS C 38 -10.38 8.78 -7.81
C LYS C 38 -8.93 9.17 -7.92
N GLU C 39 -8.44 9.89 -6.94
CA GLU C 39 -7.05 10.29 -6.92
C GLU C 39 -6.56 10.33 -5.49
N LYS C 40 -5.29 9.95 -5.31
CA LYS C 40 -4.68 9.93 -4.02
C LYS C 40 -3.90 11.22 -3.91
N THR C 41 -4.40 12.15 -3.09
CA THR C 41 -3.68 13.39 -2.84
C THR C 41 -3.02 13.30 -1.46
N ALA C 42 -2.17 14.28 -1.16
CA ALA C 42 -1.52 14.36 0.14
C ALA C 42 -2.54 14.25 1.28
N ASP C 43 -3.74 14.78 1.04
CA ASP C 43 -4.82 14.79 2.03
C ASP C 43 -5.61 13.47 2.06
N GLY C 44 -5.22 12.54 1.20
CA GLY C 44 -5.84 11.20 1.14
C GLY C 44 -6.47 10.87 -0.20
N PRO C 45 -7.09 9.68 -0.32
CA PRO C 45 -7.94 9.33 -1.47
C PRO C 45 -9.19 10.21 -1.61
N VAL C 46 -9.40 10.70 -2.83
CA VAL C 46 -10.44 11.69 -3.11
C VAL C 46 -11.18 11.42 -4.43
N GLU C 47 -12.48 11.71 -4.44
CA GLU C 47 -13.28 11.59 -5.65
C GLU C 47 -13.27 12.92 -6.42
N VAL C 48 -12.98 12.85 -7.72
CA VAL C 48 -12.99 14.01 -8.61
C VAL C 48 -13.98 13.73 -9.72
N THR C 49 -15.08 14.49 -9.75
CA THR C 49 -16.08 14.39 -10.82
C THR C 49 -15.63 15.16 -12.06
N THR C 50 -16.19 14.85 -13.23
CA THR C 50 -15.90 15.64 -14.44
C THR C 50 -16.41 17.07 -14.27
N GLU C 51 -17.50 17.25 -13.52
CA GLU C 51 -18.06 18.57 -13.26
C GLU C 51 -17.05 19.46 -12.52
N LEU C 52 -16.58 18.98 -11.36
CA LEU C 52 -15.62 19.70 -10.55
C LEU C 52 -14.34 20.03 -11.29
N LEU C 53 -13.88 19.11 -12.13
CA LEU C 53 -12.63 19.30 -12.85
C LEU C 53 -12.77 20.20 -14.07
N PHE C 54 -13.90 20.09 -14.79
CA PHE C 54 -14.06 20.72 -16.10
C PHE C 54 -14.99 21.91 -16.20
N LYS C 55 -16.08 21.92 -15.42
CA LYS C 55 -17.12 22.96 -15.56
C LYS C 55 -16.59 24.35 -15.26
N GLY C 56 -16.71 25.23 -16.25
CA GLY C 56 -16.26 26.62 -16.14
C GLY C 56 -14.76 26.74 -16.00
N LYS C 57 -14.03 25.81 -16.61
CA LYS C 57 -12.57 25.80 -16.55
C LYS C 57 -11.96 25.52 -17.92
N ARG C 58 -10.70 25.88 -18.08
CA ARG C 58 -9.94 25.59 -19.27
C ARG C 58 -8.85 24.60 -18.85
N VAL C 59 -8.97 23.35 -19.28
CA VAL C 59 -8.17 22.26 -18.69
C VAL C 59 -7.36 21.51 -19.74
N VAL C 60 -6.08 21.27 -19.45
CA VAL C 60 -5.27 20.34 -20.25
C VAL C 60 -5.32 18.92 -19.67
N LEU C 61 -5.96 18.01 -20.42
CA LEU C 61 -6.01 16.60 -20.06
C LEU C 61 -5.15 15.76 -21.02
N PHE C 62 -4.26 14.97 -20.44
CA PHE C 62 -3.50 13.99 -21.22
C PHE C 62 -3.59 12.59 -20.61
N ALA C 63 -3.62 11.59 -21.49
CA ALA C 63 -3.79 10.19 -21.13
C ALA C 63 -2.55 9.42 -21.49
N VAL C 64 -2.18 8.49 -20.60
CA VAL C 64 -1.02 7.63 -20.79
C VAL C 64 -1.42 6.15 -20.77
N PRO C 65 -0.68 5.28 -21.48
CA PRO C 65 -0.93 3.83 -21.45
C PRO C 65 -0.79 3.24 -20.05
N GLY C 66 0.27 3.61 -19.34
CA GLY C 66 0.42 3.20 -17.95
C GLY C 66 1.43 3.97 -17.11
N ALA C 67 1.08 4.16 -15.85
CA ALA C 67 2.02 4.66 -14.84
C ALA C 67 3.25 3.74 -14.80
N PHE C 68 4.42 4.35 -14.57
CA PHE C 68 5.70 3.65 -14.51
C PHE C 68 6.23 2.98 -15.81
N THR C 69 5.48 3.03 -16.92
CA THR C 69 5.98 2.51 -18.20
C THR C 69 6.94 3.51 -18.84
N PRO C 70 7.94 3.03 -19.61
CA PRO C 70 9.09 3.90 -19.91
C PRO C 70 8.79 5.18 -20.72
N THR C 71 7.95 5.08 -21.75
CA THR C 71 7.65 6.25 -22.57
C THR C 71 6.81 7.25 -21.78
N CYS C 72 5.91 6.72 -20.95
CA CYS C 72 5.01 7.54 -20.14
C CYS C 72 5.78 8.26 -19.04
N SER C 73 6.77 7.56 -18.48
CA SER C 73 7.54 8.07 -17.36
C SER C 73 8.76 8.89 -17.74
N LEU C 74 9.41 8.55 -18.85
CA LEU C 74 10.66 9.24 -19.26
C LEU C 74 10.44 10.29 -20.34
N ASN C 75 9.21 10.40 -20.85
CA ASN C 75 8.93 11.37 -21.92
C ASN C 75 7.64 12.14 -21.70
N HIS C 76 6.50 11.44 -21.74
CA HIS C 76 5.20 12.09 -21.81
C HIS C 76 4.87 12.92 -20.56
N LEU C 77 5.02 12.32 -19.38
CA LEU C 77 4.78 13.01 -18.09
C LEU C 77 5.77 14.14 -17.75
N PRO C 78 7.10 13.86 -17.76
CA PRO C 78 8.00 14.96 -17.39
C PRO C 78 7.81 16.18 -18.29
N GLY C 79 7.50 15.93 -19.56
CA GLY C 79 7.17 17.00 -20.50
C GLY C 79 6.21 18.00 -19.89
N TYR C 80 5.04 17.52 -19.48
CA TYR C 80 4.01 18.36 -18.87
C TYR C 80 4.39 18.89 -17.49
N LEU C 81 5.29 18.20 -16.81
CA LEU C 81 5.74 18.67 -15.50
C LEU C 81 6.74 19.82 -15.65
N GLU C 82 7.61 19.71 -16.66
CA GLU C 82 8.60 20.76 -16.96
C GLU C 82 7.94 22.02 -17.50
N ASN C 83 6.81 21.85 -18.19
CA ASN C 83 6.09 22.97 -18.81
C ASN C 83 4.85 23.38 -18.05
N ARG C 84 4.69 22.86 -16.84
CA ARG C 84 3.51 23.14 -16.04
C ARG C 84 3.27 24.63 -15.86
N ASP C 85 4.32 25.35 -15.48
CA ASP C 85 4.24 26.80 -15.27
C ASP C 85 3.78 27.54 -16.52
N ALA C 86 4.45 27.29 -17.64
CA ALA C 86 4.13 27.92 -18.90
C ALA C 86 2.68 27.73 -19.32
N ILE C 87 2.17 26.51 -19.18
CA ILE C 87 0.81 26.16 -19.62
C ILE C 87 -0.23 26.88 -18.76
N LEU C 88 -0.01 26.90 -17.45
CA LEU C 88 -0.87 27.62 -16.51
C LEU C 88 -0.87 29.13 -16.80
N ALA C 89 0.29 29.65 -17.22
CA ALA C 89 0.38 31.06 -17.67
C ALA C 89 -0.59 31.35 -18.81
N ARG C 90 -0.78 30.37 -19.70
CA ARG C 90 -1.57 30.57 -20.92
C ARG C 90 -3.09 30.41 -20.77
N GLY C 91 -3.58 30.69 -19.56
CA GLY C 91 -5.02 30.72 -19.30
C GLY C 91 -5.62 29.35 -19.05
N VAL C 92 -4.78 28.45 -18.57
CA VAL C 92 -5.22 27.09 -18.24
C VAL C 92 -5.32 26.99 -16.72
N ASP C 93 -6.47 26.53 -16.26
CA ASP C 93 -6.78 26.50 -14.83
C ASP C 93 -6.33 25.21 -14.14
N ASP C 94 -6.18 24.12 -14.91
CA ASP C 94 -5.84 22.83 -14.32
C ASP C 94 -5.25 21.89 -15.36
N ILE C 95 -4.32 21.06 -14.91
CA ILE C 95 -3.72 20.02 -15.72
C ILE C 95 -3.96 18.66 -15.06
N ALA C 96 -4.35 17.68 -15.86
CA ALA C 96 -4.59 16.33 -15.36
C ALA C 96 -3.93 15.28 -16.24
N VAL C 97 -3.47 14.21 -15.60
CA VAL C 97 -3.09 12.99 -16.30
C VAL C 97 -4.07 11.89 -15.89
N VAL C 98 -4.47 11.09 -16.86
CA VAL C 98 -5.40 10.03 -16.63
C VAL C 98 -4.76 8.74 -17.17
N ALA C 99 -4.97 7.65 -16.43
CA ALA C 99 -4.44 6.36 -16.83
C ALA C 99 -5.37 5.28 -16.30
N VAL C 100 -5.42 4.15 -17.01
CA VAL C 100 -6.09 2.94 -16.52
C VAL C 100 -5.11 2.27 -15.56
N ASN C 101 -5.08 2.78 -14.31
CA ASN C 101 -4.28 2.27 -13.18
C ASN C 101 -5.08 2.56 -11.91
N ASP C 102 -4.83 1.78 -10.85
CA ASP C 102 -5.47 1.99 -9.56
C ASP C 102 -4.95 3.30 -8.93
N LEU C 103 -5.66 3.81 -7.92
CA LEU C 103 -5.30 5.11 -7.33
C LEU C 103 -3.99 5.09 -6.57
N HIS C 104 -3.64 3.92 -6.04
CA HIS C 104 -2.41 3.76 -5.25
C HIS C 104 -1.16 3.82 -6.14
N VAL C 105 -1.21 3.15 -7.28
CA VAL C 105 -0.13 3.25 -8.26
C VAL C 105 -0.10 4.69 -8.81
N MSE C 106 -1.26 5.27 -9.08
CA MSE C 106 -1.30 6.67 -9.51
C MSE C 106 -0.68 7.61 -8.48
O MSE C 106 0.15 8.43 -8.83
CB MSE C 106 -2.73 7.09 -9.88
CG MSE C 106 -3.22 6.49 -11.23
SE MSE C 106 -1.99 6.84 -12.72
CE MSE C 106 -2.69 8.60 -13.30
N GLY C 107 -1.06 7.45 -7.20
CA GLY C 107 -0.45 8.22 -6.11
C GLY C 107 1.05 8.03 -6.03
N ALA C 108 1.51 6.79 -6.12
CA ALA C 108 2.94 6.47 -6.12
C ALA C 108 3.67 7.06 -7.32
N TRP C 109 2.99 7.12 -8.46
CA TRP C 109 3.59 7.68 -9.66
C TRP C 109 3.76 9.19 -9.49
N ALA C 110 2.73 9.85 -8.96
CA ALA C 110 2.79 11.27 -8.58
C ALA C 110 4.02 11.58 -7.73
N THR C 111 4.20 10.82 -6.65
CA THR C 111 5.28 11.04 -5.71
C THR C 111 6.64 10.89 -6.36
N HIS C 112 6.87 9.74 -6.99
CA HIS C 112 8.17 9.46 -7.60
C HIS C 112 8.53 10.32 -8.82
N SER C 113 7.51 10.83 -9.52
CA SER C 113 7.74 11.72 -10.67
C SER C 113 7.98 13.18 -10.26
N GLY C 114 7.77 13.49 -8.98
CA GLY C 114 7.83 14.86 -8.47
C GLY C 114 6.63 15.68 -8.91
N GLY C 115 5.56 14.99 -9.31
CA GLY C 115 4.37 15.64 -9.84
C GLY C 115 3.22 15.80 -8.86
N MSE C 116 3.36 15.24 -7.66
CA MSE C 116 2.29 15.16 -6.66
C MSE C 116 1.45 16.46 -6.45
O MSE C 116 0.23 16.45 -6.62
CB MSE C 116 2.82 14.60 -5.33
CG MSE C 116 1.82 14.58 -4.19
SE MSE C 116 0.17 13.58 -4.60
CE MSE C 116 0.75 11.79 -4.07
N GLY C 117 2.09 17.56 -6.07
CA GLY C 117 1.32 18.80 -5.85
C GLY C 117 0.97 19.57 -7.12
N LYS C 118 1.50 19.12 -8.25
CA LYS C 118 1.58 19.94 -9.45
C LYS C 118 0.40 19.80 -10.41
N ILE C 119 -0.01 18.56 -10.68
CA ILE C 119 -1.10 18.26 -11.61
C ILE C 119 -1.96 17.14 -11.03
N HIS C 120 -3.18 16.97 -11.50
CA HIS C 120 -4.01 15.85 -11.07
C HIS C 120 -3.52 14.53 -11.67
N PHE C 121 -3.51 13.48 -10.85
CA PHE C 121 -3.21 12.11 -11.30
C PHE C 121 -4.47 11.31 -11.14
N LEU C 122 -5.17 11.13 -12.26
CA LEU C 122 -6.50 10.57 -12.22
C LEU C 122 -6.50 9.08 -12.52
N SER C 123 -7.19 8.34 -11.67
CA SER C 123 -7.39 6.92 -11.89
C SER C 123 -8.69 6.70 -12.65
N ASP C 124 -8.55 6.06 -13.82
CA ASP C 124 -9.69 5.53 -14.56
C ASP C 124 -9.56 4.01 -14.53
N TRP C 125 -9.59 3.44 -13.33
CA TRP C 125 -9.06 2.11 -13.07
C TRP C 125 -9.68 1.05 -14.00
N ASN C 126 -10.96 1.18 -14.29
CA ASN C 126 -11.70 0.18 -15.06
C ASN C 126 -11.94 0.63 -16.51
N ALA C 127 -11.22 1.66 -16.93
CA ALA C 127 -11.33 2.23 -18.27
C ALA C 127 -12.72 2.71 -18.66
N ALA C 128 -13.57 3.01 -17.69
CA ALA C 128 -14.94 3.45 -17.95
C ALA C 128 -14.94 4.73 -18.80
N PHE C 129 -14.13 5.70 -18.40
CA PHE C 129 -14.05 6.98 -19.08
C PHE C 129 -13.40 6.80 -20.44
N THR C 130 -12.25 6.14 -20.43
CA THR C 130 -11.50 5.76 -21.62
C THR C 130 -12.39 5.09 -22.67
N LYS C 131 -13.24 4.15 -22.24
CA LYS C 131 -14.19 3.47 -23.12
C LYS C 131 -15.29 4.41 -23.61
N ALA C 132 -15.91 5.16 -22.69
CA ALA C 132 -16.97 6.11 -23.06
C ALA C 132 -16.55 7.10 -24.14
N ILE C 133 -15.27 7.46 -24.18
CA ILE C 133 -14.74 8.32 -25.25
C ILE C 133 -14.02 7.55 -26.38
N GLY C 134 -14.15 6.23 -26.36
CA GLY C 134 -13.64 5.39 -27.46
C GLY C 134 -12.14 5.39 -27.64
N MSE C 135 -11.42 5.51 -26.52
CA MSE C 135 -9.95 5.52 -26.57
C MSE C 135 -9.28 4.22 -26.07
O MSE C 135 -8.06 4.22 -25.87
CB MSE C 135 -9.41 6.73 -25.75
CG MSE C 135 -9.72 8.11 -26.34
SE MSE C 135 -8.78 8.51 -28.00
CE MSE C 135 -6.92 8.27 -27.53
N GLU C 136 -10.02 3.13 -25.88
CA GLU C 136 -9.40 1.89 -25.36
C GLU C 136 -8.38 1.37 -26.34
N ILE C 137 -7.35 0.74 -25.80
CA ILE C 137 -6.40 -0.04 -26.60
C ILE C 137 -5.99 -1.29 -25.81
N ASP C 138 -5.91 -2.43 -26.52
CA ASP C 138 -5.58 -3.71 -25.91
C ASP C 138 -4.06 -3.84 -25.93
N LEU C 139 -3.42 -3.68 -24.78
CA LEU C 139 -1.98 -3.87 -24.70
C LEU C 139 -1.56 -5.11 -23.90
N SER C 140 -2.38 -6.14 -23.95
CA SER C 140 -2.06 -7.43 -23.30
C SER C 140 -0.62 -7.88 -23.50
N ALA C 141 -0.09 -7.72 -24.72
CA ALA C 141 1.25 -8.22 -25.06
C ALA C 141 2.37 -7.72 -24.17
N GLY C 142 2.23 -6.50 -23.67
CA GLY C 142 3.24 -5.93 -22.82
C GLY C 142 2.90 -6.02 -21.34
N THR C 143 1.85 -6.79 -21.04
CA THR C 143 1.29 -7.07 -19.68
C THR C 143 0.30 -6.02 -19.14
N LEU C 144 -0.13 -5.11 -20.00
CA LEU C 144 -0.94 -3.99 -19.58
C LEU C 144 -2.42 -4.27 -19.73
N GLY C 145 -2.76 -5.17 -20.64
CA GLY C 145 -4.16 -5.43 -20.96
C GLY C 145 -4.81 -4.17 -21.52
N ILE C 146 -6.09 -4.00 -21.21
CA ILE C 146 -6.88 -2.86 -21.66
C ILE C 146 -6.44 -1.56 -20.97
N ARG C 147 -5.87 -0.66 -21.77
CA ARG C 147 -5.41 0.65 -21.33
C ARG C 147 -5.97 1.77 -22.21
N SER C 148 -5.49 3.00 -21.97
CA SER C 148 -5.90 4.12 -22.80
C SER C 148 -4.87 4.34 -23.90
N LYS C 149 -5.34 4.71 -25.09
CA LYS C 149 -4.44 5.29 -26.09
C LYS C 149 -3.79 6.55 -25.50
N ARG C 150 -2.60 6.87 -25.98
CA ARG C 150 -1.96 8.12 -25.62
C ARG C 150 -2.56 9.30 -26.41
N TYR C 151 -3.06 10.30 -25.67
CA TYR C 151 -3.57 11.52 -26.27
C TYR C 151 -3.38 12.74 -25.35
N SER C 152 -3.59 13.93 -25.92
CA SER C 152 -3.71 15.18 -25.16
C SER C 152 -4.90 15.94 -25.69
N MSE C 153 -5.61 16.63 -24.80
CA MSE C 153 -6.73 17.45 -25.21
C MSE C 153 -6.82 18.74 -24.40
O MSE C 153 -6.43 18.77 -23.23
CB MSE C 153 -8.04 16.66 -25.17
CG MSE C 153 -8.46 16.14 -23.81
SE MSE C 153 -10.26 15.40 -23.82
CE MSE C 153 -9.98 13.93 -25.07
N LEU C 154 -7.34 19.79 -25.03
CA LEU C 154 -7.71 21.04 -24.37
C LEU C 154 -9.23 21.03 -24.24
N VAL C 155 -9.71 21.35 -23.05
CA VAL C 155 -11.13 21.27 -22.75
C VAL C 155 -11.60 22.56 -22.10
N GLU C 156 -12.60 23.19 -22.71
CA GLU C 156 -13.13 24.45 -22.20
C GLU C 156 -14.54 24.23 -21.71
N ASP C 157 -14.72 24.36 -20.40
CA ASP C 157 -16.02 24.12 -19.76
C ASP C 157 -16.63 22.78 -20.19
N GLY C 158 -15.79 21.76 -20.31
CA GLY C 158 -16.25 20.41 -20.66
C GLY C 158 -16.49 20.12 -22.13
N VAL C 159 -16.01 21.00 -23.01
CA VAL C 159 -16.10 20.77 -24.46
C VAL C 159 -14.69 20.71 -25.04
N VAL C 160 -14.46 19.69 -25.87
CA VAL C 160 -13.14 19.45 -26.46
C VAL C 160 -12.82 20.52 -27.50
N LYS C 161 -11.72 21.26 -27.29
CA LYS C 161 -11.31 22.30 -28.24
C LYS C 161 -10.16 21.88 -29.12
N ALA C 162 -9.24 21.09 -28.56
CA ALA C 162 -8.11 20.56 -29.31
C ALA C 162 -7.88 19.12 -28.86
N LEU C 163 -7.49 18.28 -29.80
CA LEU C 163 -7.33 16.85 -29.55
C LEU C 163 -6.20 16.31 -30.38
N ASN C 164 -5.22 15.71 -29.70
CA ASN C 164 -4.09 15.11 -30.36
C ASN C 164 -3.96 13.64 -29.98
N ILE C 165 -4.22 12.76 -30.95
CA ILE C 165 -4.15 11.32 -30.74
C ILE C 165 -2.93 10.74 -31.45
N GLU C 166 -2.11 10.01 -30.69
CA GLU C 166 -0.97 9.28 -31.24
C GLU C 166 -1.46 8.07 -32.02
N GLU C 167 -0.84 7.80 -33.17
CA GLU C 167 -1.19 6.63 -33.96
C GLU C 167 -0.58 5.38 -33.31
N SER C 168 0.58 5.56 -32.68
CA SER C 168 1.24 4.50 -31.91
C SER C 168 1.61 5.01 -30.50
N PRO C 169 1.25 4.24 -29.44
CA PRO C 169 1.54 4.61 -28.05
C PRO C 169 3.03 4.74 -27.72
N GLY C 170 3.90 4.34 -28.64
CA GLY C 170 5.34 4.49 -28.47
C GLY C 170 5.86 5.90 -28.76
N GLN C 171 5.05 6.68 -29.48
CA GLN C 171 5.36 8.08 -29.75
C GLN C 171 4.63 9.02 -28.80
N ALA C 172 5.25 10.17 -28.50
CA ALA C 172 4.70 11.12 -27.52
C ALA C 172 4.95 12.59 -27.89
N THR C 173 5.00 12.89 -29.18
CA THR C 173 5.25 14.28 -29.63
C THR C 173 3.94 15.03 -29.92
N ALA C 174 3.07 14.44 -30.74
CA ALA C 174 1.77 15.06 -31.04
C ALA C 174 0.97 15.37 -29.77
N SER C 175 1.05 14.45 -28.81
CA SER C 175 0.36 14.56 -27.53
C SER C 175 1.26 15.21 -26.47
N GLY C 176 2.47 15.57 -26.86
CA GLY C 176 3.47 16.13 -25.93
C GLY C 176 3.17 17.54 -25.46
N ALA C 177 3.86 17.93 -24.39
CA ALA C 177 3.67 19.24 -23.75
C ALA C 177 3.94 20.42 -24.70
N ALA C 178 5.07 20.37 -25.40
CA ALA C 178 5.46 21.41 -26.34
C ALA C 178 4.37 21.64 -27.38
N ALA C 179 3.96 20.57 -28.06
CA ALA C 179 2.88 20.64 -29.05
C ALA C 179 1.67 21.40 -28.50
N MSE C 180 1.28 21.07 -27.27
CA MSE C 180 0.16 21.71 -26.59
C MSE C 180 0.42 23.21 -26.31
O MSE C 180 -0.49 24.02 -26.47
CB MSE C 180 -0.15 20.96 -25.29
CG MSE C 180 -1.33 21.48 -24.48
SE MSE C 180 -3.04 21.51 -25.44
CE MSE C 180 -3.31 19.59 -25.80
N LEU C 181 1.64 23.55 -25.92
CA LEU C 181 2.03 24.94 -25.67
C LEU C 181 1.81 25.84 -26.88
N GLU C 182 2.15 25.32 -28.05
CA GLU C 182 1.95 26.03 -29.31
C GLU C 182 0.48 26.24 -29.62
N LEU C 183 -0.40 25.41 -29.07
CA LEU C 183 -1.85 25.48 -29.33
C LEU C 183 -2.59 26.38 -28.34
N LEU C 184 -1.89 26.86 -27.32
CA LEU C 184 -2.51 27.71 -26.31
C LEU C 184 -2.24 29.17 -26.60
S SO4 D . -15.19 5.83 -34.60
O1 SO4 D . -15.41 4.43 -34.26
O2 SO4 D . -14.19 6.41 -33.71
O3 SO4 D . -14.75 5.96 -35.99
O4 SO4 D . -16.43 6.56 -34.46
#